data_7AJL
#
_entry.id   7AJL
#
_cell.length_a   44.731
_cell.length_b   166.686
_cell.length_c   45.131
_cell.angle_alpha   90.000
_cell.angle_beta   112.343
_cell.angle_gamma   90.000
#
_symmetry.space_group_name_H-M   'P 1 21 1'
#
loop_
_entity.id
_entity.type
_entity.pdbx_description
1 polymer 'CYFIP-related Rac1 interactor B'
2 water water
#
_entity_poly.entity_id   1
_entity_poly.type   'polypeptide(L)'
_entity_poly.pdbx_seq_one_letter_code
;AQPTESEKEIYNQVNVVLKDAEGILEDLQSYRGAGHEIREAIQHPADEKLQEKAWGAVVPLVGKLKKFYEFSQRLEAALR
GLLGALTSTPYSPTQHLEREQALAKQFAEILHFTLRFDELK(MSE)TNPAIQNDFSYYRRTLSR(MSE)RINNVPAEGEN
EVNNELANR(MSE)SLFYAEATP(MSE)LKTLSDATTKFVSENKNLPIENTTDCLST(MSE)ASVCRV(MSE)LETPEYR
SRFTNEETVSFCLRV(MSE)VGVIILYDHVHPVGAFAKTSKID(MSE)KGCIKVLKDQPPNSVEGLLNALRYTTKHLNDE
TTSKQIRS(MSE)LQ
;
_entity_poly.pdbx_strand_id   AAA,BBB
#
# COMPACT_ATOMS: atom_id res chain seq x y z
N PRO A 3 -9.42 -0.07 -46.26
CA PRO A 3 -10.00 -0.08 -44.88
C PRO A 3 -10.85 -1.34 -44.69
N THR A 4 -10.39 -2.26 -43.85
CA THR A 4 -11.08 -3.54 -43.51
C THR A 4 -12.17 -3.26 -42.48
N GLU A 5 -13.23 -4.07 -42.46
CA GLU A 5 -14.33 -4.01 -41.46
C GLU A 5 -13.73 -4.20 -40.05
N SER A 6 -12.86 -5.21 -39.90
CA SER A 6 -12.05 -5.46 -38.68
C SER A 6 -11.39 -4.15 -38.22
N GLU A 7 -10.77 -3.42 -39.14
CA GLU A 7 -9.84 -2.30 -38.85
C GLU A 7 -10.65 -1.02 -38.59
N LYS A 8 -11.84 -0.93 -39.19
CA LYS A 8 -12.82 0.16 -38.92
C LYS A 8 -13.47 -0.07 -37.55
N GLU A 9 -13.51 -1.33 -37.10
CA GLU A 9 -14.03 -1.73 -35.77
C GLU A 9 -13.04 -1.31 -34.68
N ILE A 10 -11.74 -1.52 -34.92
CA ILE A 10 -10.64 -1.08 -34.02
C ILE A 10 -10.63 0.44 -33.96
N TYR A 11 -10.74 1.11 -35.11
CA TYR A 11 -10.74 2.59 -35.25
C TYR A 11 -11.95 3.16 -34.52
N ASN A 12 -13.12 2.55 -34.76
CA ASN A 12 -14.38 2.83 -34.01
C ASN A 12 -14.11 2.68 -32.50
N GLN A 13 -13.83 1.45 -32.06
CA GLN A 13 -13.54 1.10 -30.64
C GLN A 13 -12.66 2.21 -30.03
N VAL A 14 -11.47 2.42 -30.60
CA VAL A 14 -10.37 3.23 -30.00
C VAL A 14 -10.82 4.69 -29.91
N ASN A 15 -11.69 5.12 -30.83
CA ASN A 15 -12.06 6.54 -31.02
C ASN A 15 -13.07 6.96 -29.93
N VAL A 16 -14.04 6.09 -29.66
CA VAL A 16 -14.94 6.18 -28.47
C VAL A 16 -14.07 6.28 -27.21
N VAL A 17 -13.12 5.35 -27.06
CA VAL A 17 -12.21 5.24 -25.88
C VAL A 17 -11.48 6.59 -25.72
N LEU A 18 -11.01 7.17 -26.82
CA LEU A 18 -10.06 8.31 -26.83
C LEU A 18 -10.82 9.62 -26.58
N LYS A 19 -12.12 9.65 -26.93
CA LYS A 19 -13.00 10.81 -26.67
C LYS A 19 -13.40 10.82 -25.19
N ASP A 20 -13.52 9.64 -24.59
CA ASP A 20 -13.80 9.45 -23.13
C ASP A 20 -12.57 9.87 -22.32
N ALA A 21 -11.38 9.79 -22.93
CA ALA A 21 -10.06 9.88 -22.25
C ALA A 21 -9.86 11.30 -21.71
N GLU A 22 -10.36 12.31 -22.44
CA GLU A 22 -10.23 13.74 -22.06
C GLU A 22 -11.10 14.02 -20.84
N GLY A 23 -12.26 13.37 -20.75
CA GLY A 23 -13.18 13.43 -19.59
C GLY A 23 -12.55 12.84 -18.35
N ILE A 24 -11.86 11.71 -18.49
CA ILE A 24 -11.10 11.03 -17.39
C ILE A 24 -10.08 12.02 -16.82
N LEU A 25 -9.37 12.75 -17.70
CA LEU A 25 -8.34 13.76 -17.34
C LEU A 25 -9.00 14.91 -16.56
N GLU A 26 -10.16 15.38 -17.03
CA GLU A 26 -11.00 16.38 -16.33
C GLU A 26 -11.24 15.93 -14.88
N ASP A 27 -11.70 14.68 -14.73
CA ASP A 27 -12.06 14.08 -13.41
C ASP A 27 -10.82 14.09 -12.50
N LEU A 28 -9.68 13.64 -13.03
CA LEU A 28 -8.40 13.50 -12.27
C LEU A 28 -7.89 14.89 -11.88
N GLN A 29 -8.03 15.87 -12.77
CA GLN A 29 -7.54 17.26 -12.58
C GLN A 29 -8.28 17.90 -11.40
N SER A 30 -9.55 17.50 -11.19
CA SER A 30 -10.49 18.13 -10.24
C SER A 30 -10.57 17.29 -8.96
N TYR A 31 -9.87 16.15 -8.93
CA TYR A 31 -9.74 15.26 -7.75
C TYR A 31 -9.18 16.05 -6.57
N ARG A 32 -10.03 16.37 -5.59
CA ARG A 32 -9.67 17.20 -4.40
C ARG A 32 -8.85 16.35 -3.42
N GLY A 33 -9.25 15.08 -3.23
CA GLY A 33 -8.73 14.19 -2.18
C GLY A 33 -9.40 14.43 -0.84
N ALA A 34 -9.33 13.45 0.06
CA ALA A 34 -9.99 13.47 1.39
C ALA A 34 -8.93 13.45 2.49
N GLY A 35 -7.75 14.01 2.19
CA GLY A 35 -6.57 14.01 3.08
C GLY A 35 -6.91 14.57 4.45
N HIS A 36 -7.37 15.83 4.51
CA HIS A 36 -7.75 16.55 5.75
C HIS A 36 -8.70 15.68 6.59
N GLU A 37 -9.84 15.30 6.01
CA GLU A 37 -10.92 14.55 6.69
C GLU A 37 -10.34 13.30 7.34
N ILE A 38 -9.52 12.55 6.60
CA ILE A 38 -9.00 11.21 7.01
C ILE A 38 -8.01 11.40 8.17
N ARG A 39 -7.07 12.33 8.03
CA ARG A 39 -5.97 12.59 9.01
C ARG A 39 -6.58 12.90 10.37
N GLU A 40 -7.66 13.69 10.39
CA GLU A 40 -8.37 14.12 11.63
C GLU A 40 -9.20 12.94 12.17
N ALA A 41 -9.94 12.26 11.29
CA ALA A 41 -10.79 11.09 11.61
C ALA A 41 -9.93 10.00 12.26
N ILE A 42 -8.72 9.80 11.73
CA ILE A 42 -7.77 8.73 12.16
C ILE A 42 -7.20 9.10 13.55
N GLN A 43 -6.98 10.40 13.79
CA GLN A 43 -6.27 10.92 14.99
C GLN A 43 -7.27 11.08 16.14
N HIS A 44 -8.56 11.12 15.83
CA HIS A 44 -9.68 11.19 16.80
C HIS A 44 -10.71 10.12 16.47
N PRO A 45 -10.36 8.83 16.65
CA PRO A 45 -11.19 7.73 16.15
C PRO A 45 -12.51 7.54 16.92
N ALA A 46 -12.58 8.07 18.14
CA ALA A 46 -13.80 8.05 18.99
C ALA A 46 -14.81 9.08 18.46
N ASP A 47 -14.31 10.20 17.94
CA ASP A 47 -15.15 11.29 17.37
C ASP A 47 -15.97 10.75 16.20
N GLU A 48 -17.26 10.45 16.45
CA GLU A 48 -18.16 9.77 15.49
C GLU A 48 -18.48 10.71 14.32
N LYS A 49 -18.37 12.03 14.54
CA LYS A 49 -18.69 13.07 13.53
C LYS A 49 -17.57 13.11 12.48
N LEU A 50 -16.31 13.06 12.93
CA LEU A 50 -15.11 13.18 12.05
C LEU A 50 -15.08 11.98 11.09
N GLN A 51 -15.68 10.86 11.51
CA GLN A 51 -15.67 9.58 10.74
C GLN A 51 -16.68 9.66 9.59
N GLU A 52 -17.90 10.15 9.86
CA GLU A 52 -18.93 10.39 8.81
C GLU A 52 -18.35 11.31 7.74
N LYS A 53 -17.80 12.45 8.17
CA LYS A 53 -17.13 13.45 7.28
C LYS A 53 -16.18 12.72 6.32
N ALA A 54 -15.18 12.03 6.87
CA ALA A 54 -14.12 11.31 6.11
C ALA A 54 -14.79 10.35 5.12
N TRP A 55 -15.78 9.60 5.58
CA TRP A 55 -16.56 8.65 4.74
C TRP A 55 -17.26 9.42 3.60
N GLY A 56 -18.06 10.43 3.96
CA GLY A 56 -18.82 11.26 3.01
C GLY A 56 -17.94 11.72 1.86
N ALA A 57 -16.73 12.19 2.19
CA ALA A 57 -15.78 12.85 1.25
C ALA A 57 -15.15 11.79 0.34
N VAL A 58 -15.02 10.55 0.83
CA VAL A 58 -14.11 9.50 0.27
C VAL A 58 -14.88 8.72 -0.81
N VAL A 59 -16.19 8.55 -0.62
CA VAL A 59 -17.05 7.65 -1.45
C VAL A 59 -17.09 8.19 -2.88
N PRO A 60 -17.28 9.51 -3.07
CA PRO A 60 -17.27 10.11 -4.40
C PRO A 60 -15.92 9.91 -5.10
N LEU A 61 -14.83 10.12 -4.35
CA LEU A 61 -13.43 10.07 -4.86
C LEU A 61 -13.11 8.66 -5.35
N VAL A 62 -13.57 7.64 -4.60
CA VAL A 62 -13.35 6.20 -4.92
C VAL A 62 -14.28 5.80 -6.08
N GLY A 63 -15.36 6.56 -6.26
CA GLY A 63 -16.18 6.52 -7.50
C GLY A 63 -15.35 6.85 -8.72
N LYS A 64 -14.52 7.89 -8.63
CA LYS A 64 -13.59 8.33 -9.72
C LYS A 64 -12.48 7.29 -9.88
N LEU A 65 -11.91 6.84 -8.76
CA LEU A 65 -10.77 5.88 -8.73
C LEU A 65 -11.20 4.57 -9.41
N LYS A 66 -12.46 4.19 -9.26
CA LYS A 66 -13.08 3.00 -9.91
C LYS A 66 -13.24 3.27 -11.41
N LYS A 67 -13.76 4.45 -11.76
CA LYS A 67 -13.90 4.94 -13.16
C LYS A 67 -12.54 4.84 -13.86
N PHE A 68 -11.51 5.47 -13.30
CA PHE A 68 -10.12 5.53 -13.84
C PHE A 68 -9.64 4.11 -14.14
N TYR A 69 -9.73 3.21 -13.15
CA TYR A 69 -9.19 1.83 -13.22
C TYR A 69 -9.91 1.06 -14.33
N GLU A 70 -11.25 1.11 -14.32
CA GLU A 70 -12.11 0.46 -15.34
C GLU A 70 -11.68 0.91 -16.73
N PHE A 71 -11.42 2.21 -16.91
CA PHE A 71 -11.00 2.84 -18.18
C PHE A 71 -9.68 2.22 -18.64
N SER A 72 -8.75 2.03 -17.69
CA SER A 72 -7.39 1.47 -17.92
C SER A 72 -7.51 0.10 -18.59
N GLN A 73 -8.56 -0.65 -18.27
CA GLN A 73 -8.85 -1.99 -18.87
C GLN A 73 -9.32 -1.80 -20.31
N ARG A 74 -10.19 -0.81 -20.54
CA ARG A 74 -10.64 -0.39 -21.90
C ARG A 74 -9.42 0.01 -22.74
N LEU A 75 -8.55 0.86 -22.18
CA LEU A 75 -7.31 1.35 -22.85
C LEU A 75 -6.41 0.16 -23.19
N GLU A 76 -6.13 -0.68 -22.19
CA GLU A 76 -5.34 -1.93 -22.33
C GLU A 76 -5.76 -2.66 -23.61
N ALA A 77 -7.06 -2.94 -23.75
CA ALA A 77 -7.65 -3.72 -24.86
C ALA A 77 -7.51 -2.93 -26.17
N ALA A 78 -7.82 -1.63 -26.14
CA ALA A 78 -7.74 -0.71 -27.29
C ALA A 78 -6.34 -0.78 -27.91
N LEU A 79 -5.30 -0.82 -27.07
CA LEU A 79 -3.88 -0.77 -27.50
C LEU A 79 -3.55 -2.06 -28.26
N ARG A 80 -3.89 -3.21 -27.68
CA ARG A 80 -3.56 -4.55 -28.24
C ARG A 80 -4.37 -4.78 -29.53
N GLY A 81 -5.59 -4.22 -29.59
CA GLY A 81 -6.32 -3.96 -30.83
C GLY A 81 -5.45 -3.27 -31.88
N LEU A 82 -4.93 -2.09 -31.55
CA LEU A 82 -4.12 -1.24 -32.47
C LEU A 82 -2.91 -2.05 -32.96
N LEU A 83 -2.20 -2.70 -32.05
CA LEU A 83 -0.91 -3.39 -32.32
C LEU A 83 -1.12 -4.54 -33.30
N GLY A 84 -2.11 -5.40 -33.02
CA GLY A 84 -2.59 -6.44 -33.96
C GLY A 84 -2.73 -5.89 -35.37
N ALA A 85 -3.53 -4.84 -35.52
CA ALA A 85 -3.87 -4.19 -36.82
C ALA A 85 -2.61 -3.55 -37.41
N LEU A 86 -1.78 -2.93 -36.57
CA LEU A 86 -0.74 -1.95 -36.99
C LEU A 86 0.65 -2.60 -36.91
N THR A 87 0.72 -3.91 -37.13
CA THR A 87 1.99 -4.69 -37.16
C THR A 87 1.87 -5.87 -38.14
N SER A 88 0.66 -6.14 -38.63
CA SER A 88 0.32 -7.36 -39.42
C SER A 88 0.67 -7.14 -40.88
N THR A 89 0.03 -6.15 -41.51
CA THR A 89 0.30 -5.70 -42.91
C THR A 89 1.58 -4.87 -42.93
N PRO A 90 2.44 -5.03 -43.96
CA PRO A 90 3.73 -4.33 -44.01
C PRO A 90 3.52 -2.81 -44.23
N TYR A 91 4.60 -2.03 -44.17
CA TYR A 91 4.54 -0.55 -44.38
C TYR A 91 4.33 -0.27 -45.87
N SER A 92 3.32 0.55 -46.18
CA SER A 92 2.95 0.96 -47.57
C SER A 92 2.75 2.47 -47.63
N PRO A 93 3.78 3.24 -48.03
CA PRO A 93 3.65 4.70 -48.13
C PRO A 93 2.79 5.14 -49.32
N THR A 94 2.74 4.32 -50.38
CA THR A 94 2.01 4.62 -51.64
C THR A 94 0.57 4.11 -51.53
N GLN A 95 0.39 2.80 -51.31
CA GLN A 95 -0.95 2.13 -51.40
C GLN A 95 -1.78 2.49 -50.16
N HIS A 96 -1.36 2.04 -48.98
CA HIS A 96 -2.15 2.15 -47.71
C HIS A 96 -1.41 3.04 -46.71
N LEU A 97 -1.45 4.36 -46.89
CA LEU A 97 -0.86 5.36 -45.95
C LEU A 97 -1.95 5.86 -44.99
N GLU A 98 -3.10 6.28 -45.53
CA GLU A 98 -4.22 6.86 -44.75
C GLU A 98 -4.51 5.96 -43.54
N ARG A 99 -4.52 4.64 -43.76
CA ARG A 99 -4.79 3.63 -42.71
C ARG A 99 -3.69 3.70 -41.64
N GLU A 100 -2.43 3.58 -42.06
CA GLU A 100 -1.24 3.59 -41.17
C GLU A 100 -1.23 4.88 -40.35
N GLN A 101 -1.23 6.03 -41.04
CA GLN A 101 -1.23 7.38 -40.42
C GLN A 101 -2.33 7.45 -39.35
N ALA A 102 -3.50 6.88 -39.65
CA ALA A 102 -4.71 6.94 -38.81
C ALA A 102 -4.52 6.08 -37.56
N LEU A 103 -3.90 4.91 -37.71
CA LEU A 103 -3.62 3.95 -36.62
C LEU A 103 -2.47 4.48 -35.75
N ALA A 104 -1.41 4.99 -36.40
CA ALA A 104 -0.30 5.72 -35.76
C ALA A 104 -0.85 6.86 -34.89
N LYS A 105 -1.76 7.66 -35.45
CA LYS A 105 -2.39 8.82 -34.78
C LYS A 105 -3.00 8.37 -33.44
N GLN A 106 -3.75 7.25 -33.48
CA GLN A 106 -4.57 6.76 -32.33
C GLN A 106 -3.64 6.21 -31.24
N PHE A 107 -2.57 5.52 -31.66
CA PHE A 107 -1.51 4.98 -30.75
C PHE A 107 -0.85 6.14 -30.00
N ALA A 108 -0.46 7.19 -30.75
CA ALA A 108 0.17 8.41 -30.21
C ALA A 108 -0.78 9.07 -29.19
N GLU A 109 -2.07 9.11 -29.51
CA GLU A 109 -3.11 9.81 -28.71
C GLU A 109 -3.36 9.02 -27.41
N ILE A 110 -3.26 7.69 -27.48
CA ILE A 110 -3.31 6.78 -26.30
C ILE A 110 -2.17 7.16 -25.35
N LEU A 111 -0.96 7.32 -25.88
CA LEU A 111 0.28 7.55 -25.10
C LEU A 111 0.28 8.98 -24.55
N HIS A 112 -0.30 9.93 -25.30
CA HIS A 112 -0.48 11.35 -24.88
C HIS A 112 -1.33 11.39 -23.61
N PHE A 113 -2.52 10.79 -23.65
CA PHE A 113 -3.40 10.63 -22.46
C PHE A 113 -2.62 9.94 -21.34
N THR A 114 -2.04 8.78 -21.63
CA THR A 114 -1.41 7.87 -20.65
C THR A 114 -0.47 8.68 -19.74
N LEU A 115 0.44 9.42 -20.37
CA LEU A 115 1.52 10.18 -19.67
C LEU A 115 0.90 11.34 -18.87
N ARG A 116 -0.08 12.03 -19.47
CA ARG A 116 -0.77 13.20 -18.87
C ARG A 116 -1.48 12.75 -17.59
N PHE A 117 -2.16 11.61 -17.64
CA PHE A 117 -2.85 10.97 -16.49
C PHE A 117 -1.84 10.67 -15.38
N ASP A 118 -0.70 10.08 -15.74
CA ASP A 118 0.30 9.52 -14.78
C ASP A 118 1.06 10.69 -14.14
N GLU A 119 1.31 11.75 -14.91
CA GLU A 119 1.94 13.01 -14.43
C GLU A 119 1.10 13.57 -13.27
N LEU A 120 -0.21 13.63 -13.46
CA LEU A 120 -1.17 14.22 -12.47
C LEU A 120 -1.27 13.28 -11.25
N LYS A 121 -1.32 11.97 -11.50
CA LYS A 121 -1.36 10.92 -10.44
C LYS A 121 -0.18 11.10 -9.50
N THR A 123 1.58 13.59 -8.80
CA THR A 123 1.59 14.87 -8.09
C THR A 123 0.35 14.99 -7.21
N ASN A 124 -0.44 13.92 -7.10
CA ASN A 124 -1.67 13.85 -6.25
C ASN A 124 -1.35 13.11 -4.96
N PRO A 125 -1.26 13.82 -3.81
CA PRO A 125 -0.81 13.23 -2.56
C PRO A 125 -1.87 12.33 -1.91
N ALA A 126 -3.10 12.37 -2.44
CA ALA A 126 -4.33 11.94 -1.73
C ALA A 126 -4.68 10.50 -2.13
N ILE A 127 -4.46 10.15 -3.40
CA ILE A 127 -5.21 9.08 -4.12
C ILE A 127 -5.05 7.75 -3.37
N GLN A 128 -3.81 7.38 -3.04
CA GLN A 128 -3.46 6.08 -2.41
C GLN A 128 -4.05 6.03 -1.00
N ASN A 129 -3.89 7.12 -0.25
N ASN A 129 -3.88 7.12 -0.25
CA ASN A 129 -4.35 7.24 1.16
CA ASN A 129 -4.36 7.24 1.16
C ASN A 129 -5.89 7.17 1.19
C ASN A 129 -5.88 7.17 1.18
N ASP A 130 -6.54 7.88 0.26
CA ASP A 130 -8.02 7.87 0.11
C ASP A 130 -8.51 6.43 0.06
N PHE A 131 -7.99 5.64 -0.88
CA PHE A 131 -8.47 4.26 -1.20
C PHE A 131 -8.12 3.32 -0.05
N SER A 132 -6.97 3.56 0.59
CA SER A 132 -6.50 2.82 1.80
C SER A 132 -7.55 2.96 2.92
N TYR A 133 -7.98 4.20 3.20
CA TYR A 133 -8.99 4.52 4.24
C TYR A 133 -10.34 3.89 3.84
N TYR A 134 -10.75 4.06 2.58
CA TYR A 134 -11.98 3.46 2.00
C TYR A 134 -12.03 1.97 2.37
N ARG A 135 -10.97 1.24 2.05
CA ARG A 135 -10.91 -0.25 2.13
C ARG A 135 -11.10 -0.69 3.58
N ARG A 136 -10.47 0.02 4.53
CA ARG A 136 -10.58 -0.31 5.98
C ARG A 136 -12.00 0.01 6.47
N THR A 137 -12.55 1.16 6.06
CA THR A 137 -13.88 1.64 6.50
C THR A 137 -14.97 0.76 5.89
N LEU A 138 -14.74 0.26 4.67
CA LEU A 138 -15.62 -0.75 4.01
C LEU A 138 -15.70 -2.00 4.91
N SER A 139 -14.57 -2.37 5.53
CA SER A 139 -14.42 -3.62 6.32
C SER A 139 -15.11 -3.47 7.68
N ARG A 140 -15.26 -2.22 8.15
CA ARG A 140 -16.06 -1.90 9.37
C ARG A 140 -17.54 -2.08 9.08
N ARG A 142 -19.02 -3.75 6.79
CA ARG A 142 -19.35 -5.10 6.33
C ARG A 142 -19.65 -5.99 7.54
N ILE A 143 -19.31 -5.53 8.74
CA ILE A 143 -19.66 -6.20 10.04
C ILE A 143 -21.18 -6.31 10.13
N ASN A 144 -21.89 -5.18 10.01
CA ASN A 144 -23.37 -5.10 10.03
C ASN A 144 -23.92 -5.36 8.63
N ASN A 145 -23.05 -5.30 7.62
CA ASN A 145 -23.41 -5.41 6.17
C ASN A 145 -24.33 -4.25 5.80
N GLU A 153 -20.92 -2.52 -6.95
CA GLU A 153 -20.32 -2.92 -5.64
C GLU A 153 -18.81 -3.15 -5.84
N VAL A 154 -18.00 -2.74 -4.87
CA VAL A 154 -16.52 -2.92 -4.88
C VAL A 154 -16.17 -4.20 -4.13
N ASN A 155 -16.06 -5.32 -4.85
CA ASN A 155 -15.74 -6.67 -4.29
C ASN A 155 -14.24 -6.72 -3.97
N ASN A 156 -13.83 -7.69 -3.16
CA ASN A 156 -12.47 -7.73 -2.54
C ASN A 156 -11.41 -7.77 -3.66
N GLU A 157 -11.51 -8.72 -4.59
CA GLU A 157 -10.40 -9.03 -5.54
C GLU A 157 -10.19 -7.82 -6.47
N LEU A 158 -11.26 -7.13 -6.88
CA LEU A 158 -11.17 -5.87 -7.66
C LEU A 158 -10.35 -4.84 -6.87
N ALA A 159 -10.64 -4.70 -5.58
CA ALA A 159 -10.01 -3.72 -4.66
C ALA A 159 -8.51 -4.01 -4.55
N ASN A 160 -8.14 -5.30 -4.57
CA ASN A 160 -6.72 -5.75 -4.50
C ASN A 160 -6.01 -5.33 -5.79
N ARG A 161 -6.70 -5.44 -6.92
CA ARG A 161 -6.19 -5.03 -8.26
C ARG A 161 -6.03 -3.52 -8.31
N SER A 163 -5.70 -1.48 -5.69
CA SER A 163 -4.66 -1.15 -4.72
C SER A 163 -3.28 -1.21 -5.38
N LEU A 164 -3.04 -2.26 -6.18
CA LEU A 164 -1.76 -2.50 -6.89
C LEU A 164 -1.60 -1.46 -8.01
N PHE A 165 -2.67 -1.24 -8.79
CA PHE A 165 -2.76 -0.21 -9.86
C PHE A 165 -2.18 1.12 -9.33
N TYR A 166 -2.66 1.55 -8.16
CA TYR A 166 -2.47 2.92 -7.61
C TYR A 166 -1.19 2.97 -6.75
N ALA A 167 -0.59 1.79 -6.52
CA ALA A 167 0.75 1.64 -5.90
C ALA A 167 1.83 1.96 -6.94
N GLU A 168 1.50 1.80 -8.23
CA GLU A 168 2.42 2.07 -9.37
C GLU A 168 2.74 3.56 -9.43
N ALA A 169 4.02 3.90 -9.62
CA ALA A 169 4.50 5.27 -9.94
C ALA A 169 3.67 5.85 -11.11
N THR A 170 3.59 5.10 -12.22
CA THR A 170 2.88 5.49 -13.46
C THR A 170 1.85 4.42 -13.83
N PRO A 171 0.65 4.45 -13.21
CA PRO A 171 -0.31 3.35 -13.35
C PRO A 171 -0.67 3.02 -14.80
N LEU A 173 0.79 3.76 -17.61
CA LEU A 173 1.89 3.42 -18.50
C LEU A 173 2.33 1.98 -18.23
N LYS A 174 2.33 1.56 -16.96
CA LYS A 174 2.67 0.17 -16.56
C LYS A 174 1.60 -0.78 -17.12
N THR A 175 0.33 -0.39 -17.03
CA THR A 175 -0.81 -1.11 -17.66
C THR A 175 -0.49 -1.39 -19.13
N LEU A 176 0.11 -0.40 -19.81
CA LEU A 176 0.30 -0.39 -21.29
C LEU A 176 1.56 -1.19 -21.66
N SER A 177 2.59 -1.10 -20.81
CA SER A 177 3.85 -1.90 -20.95
C SER A 177 3.54 -3.39 -20.71
N ASP A 178 2.63 -3.68 -19.77
CA ASP A 178 2.11 -5.05 -19.51
C ASP A 178 1.30 -5.52 -20.71
N ALA A 179 0.49 -4.62 -21.29
CA ALA A 179 -0.42 -4.91 -22.42
C ALA A 179 0.40 -5.19 -23.68
N THR A 180 1.58 -4.56 -23.79
CA THR A 180 2.52 -4.71 -24.94
C THR A 180 3.31 -6.00 -24.78
N THR A 181 3.84 -6.25 -23.57
CA THR A 181 4.51 -7.51 -23.17
C THR A 181 3.60 -8.69 -23.51
N LYS A 182 2.29 -8.55 -23.27
CA LYS A 182 1.30 -9.64 -23.48
C LYS A 182 1.06 -9.84 -24.99
N PHE A 183 1.09 -8.75 -25.76
CA PHE A 183 0.79 -8.77 -27.22
C PHE A 183 1.82 -9.65 -27.94
N VAL A 184 3.11 -9.33 -27.77
CA VAL A 184 4.24 -10.11 -28.33
C VAL A 184 4.08 -11.59 -27.93
N SER A 185 3.52 -11.83 -26.73
CA SER A 185 3.41 -13.17 -26.10
C SER A 185 2.42 -14.03 -26.89
N GLU A 186 1.30 -13.43 -27.33
CA GLU A 186 0.18 -14.14 -28.01
C GLU A 186 0.37 -14.02 -29.53
N ASN A 187 1.49 -13.44 -29.96
CA ASN A 187 1.84 -13.26 -31.40
C ASN A 187 3.34 -13.56 -31.59
N LYS A 188 3.81 -14.66 -31.00
CA LYS A 188 5.19 -15.20 -31.19
C LYS A 188 5.40 -15.51 -32.69
N ASN A 189 4.30 -15.65 -33.44
CA ASN A 189 4.32 -15.96 -34.90
C ASN A 189 4.93 -14.78 -35.66
N LEU A 190 4.60 -13.55 -35.25
CA LEU A 190 5.16 -12.29 -35.82
C LEU A 190 6.54 -12.05 -35.24
N PRO A 191 7.52 -11.61 -36.05
CA PRO A 191 8.84 -11.23 -35.55
C PRO A 191 8.77 -10.01 -34.63
N ILE A 192 9.59 -9.98 -33.59
CA ILE A 192 9.58 -8.92 -32.53
C ILE A 192 9.75 -7.55 -33.19
N GLU A 193 10.50 -7.51 -34.30
CA GLU A 193 10.96 -6.26 -34.95
C GLU A 193 9.74 -5.42 -35.37
N ASN A 194 8.67 -6.08 -35.81
CA ASN A 194 7.44 -5.44 -36.35
C ASN A 194 6.85 -4.52 -35.28
N THR A 195 6.91 -4.95 -34.01
CA THR A 195 6.42 -4.18 -32.83
C THR A 195 7.47 -3.14 -32.43
N THR A 196 8.72 -3.59 -32.26
CA THR A 196 9.85 -2.77 -31.75
C THR A 196 10.12 -1.60 -32.72
N ASP A 197 9.88 -1.82 -34.01
CA ASP A 197 10.23 -0.87 -35.10
C ASP A 197 9.13 0.18 -35.22
N CYS A 198 7.87 -0.21 -34.93
CA CYS A 198 6.72 0.69 -34.71
C CYS A 198 7.06 1.71 -33.61
N LEU A 199 7.55 1.22 -32.47
CA LEU A 199 7.90 2.04 -31.28
C LEU A 199 9.10 2.93 -31.61
N SER A 200 10.10 2.38 -32.30
CA SER A 200 11.43 3.00 -32.52
C SER A 200 11.32 4.13 -33.54
N THR A 201 10.50 3.93 -34.59
CA THR A 201 10.25 4.92 -35.67
C THR A 201 9.47 6.11 -35.09
N ALA A 203 9.38 6.97 -31.90
CA ALA A 203 10.32 7.63 -31.02
C ALA A 203 11.18 8.60 -31.84
N SER A 204 11.67 8.16 -33.00
CA SER A 204 12.63 8.89 -33.86
C SER A 204 11.93 10.07 -34.54
N VAL A 205 10.70 9.85 -35.03
CA VAL A 205 9.87 10.89 -35.71
C VAL A 205 9.56 12.01 -34.69
N CYS A 206 9.17 11.64 -33.48
CA CYS A 206 8.95 12.56 -32.34
C CYS A 206 10.18 13.45 -32.14
N ARG A 207 11.38 12.84 -32.13
CA ARG A 207 12.67 13.53 -31.93
C ARG A 207 12.88 14.55 -33.05
N VAL A 208 12.51 14.19 -34.28
CA VAL A 208 12.67 15.02 -35.51
C VAL A 208 11.83 16.30 -35.35
N LEU A 210 10.81 17.63 -32.73
CA LEU A 210 11.28 18.39 -31.58
C LEU A 210 12.56 19.14 -31.94
N GLU A 211 13.44 18.51 -32.73
CA GLU A 211 14.87 18.88 -32.85
C GLU A 211 15.10 19.63 -34.17
N THR A 212 14.37 19.25 -35.22
CA THR A 212 14.65 19.65 -36.64
C THR A 212 14.11 21.06 -36.88
N PRO A 213 12.86 21.35 -36.46
CA PRO A 213 12.29 22.69 -36.63
C PRO A 213 13.25 23.80 -36.19
N GLU A 214 13.34 24.87 -36.99
CA GLU A 214 14.03 26.14 -36.62
C GLU A 214 13.28 26.79 -35.44
N TYR A 215 13.96 27.68 -34.71
CA TYR A 215 13.35 28.55 -33.67
C TYR A 215 12.18 29.34 -34.27
N ARG A 216 10.99 29.19 -33.67
CA ARG A 216 9.83 30.12 -33.86
C ARG A 216 9.21 29.87 -35.25
N SER A 217 9.17 28.60 -35.68
CA SER A 217 8.44 28.13 -36.88
C SER A 217 7.05 27.62 -36.48
N ARG A 218 6.25 27.23 -37.48
CA ARG A 218 4.86 26.73 -37.28
C ARG A 218 4.88 25.44 -36.45
N PHE A 219 6.07 24.89 -36.19
CA PHE A 219 6.27 23.52 -35.64
C PHE A 219 6.61 23.60 -34.14
N THR A 220 6.89 24.81 -33.64
CA THR A 220 7.52 25.03 -32.31
C THR A 220 6.51 25.64 -31.33
N ASN A 221 5.22 25.31 -31.45
CA ASN A 221 4.17 25.73 -30.49
C ASN A 221 4.16 24.78 -29.30
N GLU A 222 3.73 25.25 -28.13
CA GLU A 222 3.74 24.47 -26.86
C GLU A 222 2.96 23.17 -27.08
N GLU A 223 1.82 23.25 -27.78
CA GLU A 223 0.92 22.10 -28.07
C GLU A 223 1.73 20.97 -28.72
N THR A 224 2.53 21.30 -29.73
CA THR A 224 3.35 20.33 -30.50
C THR A 224 4.43 19.72 -29.60
N VAL A 225 5.24 20.57 -28.95
CA VAL A 225 6.40 20.16 -28.11
C VAL A 225 5.88 19.25 -26.98
N SER A 226 4.83 19.68 -26.30
CA SER A 226 4.21 18.97 -25.14
C SER A 226 3.76 17.57 -25.59
N PHE A 227 3.16 17.48 -26.77
CA PHE A 227 2.57 16.24 -27.35
C PHE A 227 3.69 15.25 -27.65
N CYS A 228 4.72 15.71 -28.35
CA CYS A 228 5.78 14.86 -28.97
C CYS A 228 6.72 14.31 -27.89
N LEU A 229 6.97 15.11 -26.85
CA LEU A 229 7.77 14.70 -25.66
C LEU A 229 7.11 13.49 -24.99
N ARG A 230 5.78 13.51 -24.89
CA ARG A 230 4.99 12.55 -24.07
C ARG A 230 4.82 11.25 -24.84
N VAL A 231 4.66 11.34 -26.18
CA VAL A 231 4.60 10.17 -27.09
C VAL A 231 5.98 9.50 -27.14
N VAL A 233 8.48 9.58 -24.83
CA VAL A 233 8.76 8.92 -23.57
C VAL A 233 7.89 7.65 -23.48
N GLY A 234 6.61 7.77 -23.83
CA GLY A 234 5.67 6.65 -23.97
C GLY A 234 6.30 5.45 -24.65
N VAL A 235 6.69 5.61 -25.92
CA VAL A 235 7.08 4.49 -26.83
C VAL A 235 8.48 3.99 -26.42
N ILE A 236 9.34 4.91 -25.97
CA ILE A 236 10.69 4.61 -25.41
C ILE A 236 10.55 3.49 -24.36
N ILE A 237 9.53 3.59 -23.51
CA ILE A 237 9.40 2.78 -22.26
C ILE A 237 8.75 1.43 -22.60
N LEU A 238 7.70 1.46 -23.43
CA LEU A 238 7.11 0.24 -24.07
C LEU A 238 8.24 -0.58 -24.71
N TYR A 239 9.05 0.08 -25.54
CA TYR A 239 10.20 -0.53 -26.28
C TYR A 239 11.16 -1.18 -25.26
N ASP A 240 11.45 -0.47 -24.17
CA ASP A 240 12.42 -0.90 -23.13
C ASP A 240 11.98 -2.26 -22.56
N HIS A 241 10.66 -2.51 -22.55
CA HIS A 241 10.02 -3.64 -21.83
C HIS A 241 9.96 -4.88 -22.74
N VAL A 242 9.82 -4.66 -24.06
CA VAL A 242 9.42 -5.72 -25.03
C VAL A 242 10.57 -5.97 -26.02
N HIS A 243 11.57 -5.07 -26.05
CA HIS A 243 12.84 -5.29 -26.80
C HIS A 243 13.85 -6.00 -25.91
N PRO A 244 14.39 -7.16 -26.38
CA PRO A 244 15.32 -7.95 -25.57
C PRO A 244 16.40 -7.09 -24.91
N VAL A 245 17.21 -6.39 -25.72
CA VAL A 245 18.36 -5.56 -25.26
C VAL A 245 17.82 -4.27 -24.64
N GLY A 246 16.67 -3.79 -25.14
CA GLY A 246 15.95 -2.61 -24.60
C GLY A 246 16.54 -1.30 -25.08
N ALA A 247 16.33 -0.23 -24.32
CA ALA A 247 16.34 1.17 -24.81
C ALA A 247 17.64 1.86 -24.38
N PHE A 248 18.41 1.23 -23.49
CA PHE A 248 19.46 1.88 -22.66
C PHE A 248 20.84 1.40 -23.12
N ALA A 249 20.90 0.23 -23.77
CA ALA A 249 22.09 -0.30 -24.46
C ALA A 249 22.66 0.78 -25.40
N LYS A 250 23.99 0.82 -25.54
CA LYS A 250 24.74 1.98 -26.09
C LYS A 250 24.40 2.15 -27.57
N THR A 251 24.30 1.04 -28.31
CA THR A 251 23.99 1.00 -29.77
C THR A 251 22.54 0.53 -29.96
N SER A 252 21.63 1.02 -29.13
CA SER A 252 20.15 0.88 -29.30
C SER A 252 19.65 1.95 -30.28
N LYS A 253 18.71 1.59 -31.15
CA LYS A 253 18.16 2.45 -32.24
C LYS A 253 17.36 3.60 -31.60
N ILE A 254 17.28 3.62 -30.27
CA ILE A 254 16.41 4.56 -29.49
C ILE A 254 17.22 5.84 -29.20
N ASP A 255 18.53 5.70 -28.98
CA ASP A 255 19.44 6.79 -28.54
C ASP A 255 18.82 7.49 -27.33
N LYS A 257 20.22 8.74 -24.58
CA LYS A 257 20.97 9.93 -24.21
C LYS A 257 20.34 11.16 -24.88
N GLY A 258 20.17 11.11 -26.20
CA GLY A 258 19.58 12.20 -27.00
C GLY A 258 18.17 12.53 -26.55
N CYS A 259 17.39 11.50 -26.18
CA CYS A 259 15.98 11.63 -25.71
C CYS A 259 15.94 12.37 -24.38
N ILE A 260 16.84 12.02 -23.45
CA ILE A 260 16.95 12.66 -22.11
C ILE A 260 17.43 14.10 -22.28
N LYS A 261 18.33 14.34 -23.24
CA LYS A 261 18.95 15.66 -23.50
C LYS A 261 17.87 16.65 -23.94
N VAL A 262 16.95 16.21 -24.80
CA VAL A 262 15.81 17.03 -25.30
C VAL A 262 14.84 17.31 -24.15
N LEU A 263 14.71 16.36 -23.21
CA LEU A 263 13.91 16.53 -21.97
C LEU A 263 14.57 17.59 -21.08
N LYS A 264 15.90 17.49 -20.90
CA LYS A 264 16.71 18.42 -20.07
C LYS A 264 16.66 19.82 -20.68
N ASP A 265 16.29 19.93 -21.96
CA ASP A 265 16.29 21.20 -22.73
C ASP A 265 14.99 21.96 -22.45
N GLN A 266 14.01 21.28 -21.86
CA GLN A 266 12.66 21.83 -21.58
C GLN A 266 12.67 22.54 -20.23
N PRO A 267 11.69 23.43 -19.96
CA PRO A 267 11.48 23.96 -18.61
C PRO A 267 11.36 22.86 -17.56
N PRO A 268 12.08 22.96 -16.42
CA PRO A 268 12.17 21.86 -15.46
C PRO A 268 10.80 21.26 -15.10
N ASN A 269 9.82 22.11 -14.81
CA ASN A 269 8.51 21.70 -14.20
C ASN A 269 7.67 21.02 -15.28
N SER A 270 8.07 21.16 -16.55
CA SER A 270 7.31 20.69 -17.74
C SER A 270 7.44 19.17 -17.88
N VAL A 271 8.57 18.61 -17.42
CA VAL A 271 9.08 17.28 -17.89
C VAL A 271 9.58 16.46 -16.70
N GLU A 272 9.43 16.98 -15.47
CA GLU A 272 9.90 16.30 -14.24
C GLU A 272 9.10 15.00 -14.05
N GLY A 273 7.79 15.04 -14.34
CA GLY A 273 6.92 13.86 -14.43
C GLY A 273 7.47 12.83 -15.40
N LEU A 274 7.94 13.28 -16.56
CA LEU A 274 8.41 12.41 -17.68
C LEU A 274 9.73 11.75 -17.28
N LEU A 275 10.59 12.48 -16.58
CA LEU A 275 11.91 11.99 -16.09
C LEU A 275 11.68 10.93 -15.01
N ASN A 276 10.61 11.08 -14.22
CA ASN A 276 10.24 10.16 -13.11
C ASN A 276 9.75 8.84 -13.69
N ALA A 277 8.99 8.90 -14.79
CA ALA A 277 8.52 7.73 -15.57
C ALA A 277 9.74 6.89 -15.99
N LEU A 278 10.78 7.55 -16.50
CA LEU A 278 12.04 6.90 -16.95
C LEU A 278 12.76 6.29 -15.74
N ARG A 279 12.68 6.95 -14.59
CA ARG A 279 13.38 6.54 -13.34
C ARG A 279 12.77 5.24 -12.82
N TYR A 280 11.45 5.10 -12.94
CA TYR A 280 10.61 4.23 -12.07
C TYR A 280 10.03 3.07 -12.88
N THR A 281 9.50 3.37 -14.08
CA THR A 281 8.63 2.45 -14.87
C THR A 281 9.44 1.79 -15.98
N THR A 282 10.75 2.06 -16.05
CA THR A 282 11.68 1.43 -17.02
C THR A 282 12.11 0.06 -16.50
N LYS A 283 12.73 -0.75 -17.36
CA LYS A 283 13.22 -2.11 -17.01
C LYS A 283 14.74 -2.10 -16.85
N HIS A 284 15.47 -1.43 -17.75
CA HIS A 284 16.93 -1.63 -17.95
C HIS A 284 17.73 -0.43 -17.44
N LEU A 285 17.06 0.61 -16.92
CA LEU A 285 17.79 1.81 -16.41
C LEU A 285 18.89 1.35 -15.43
N ASN A 286 18.48 0.73 -14.32
CA ASN A 286 19.39 0.15 -13.30
C ASN A 286 19.97 -1.16 -13.83
N ASP A 287 20.90 -1.05 -14.78
CA ASP A 287 21.68 -2.18 -15.37
C ASP A 287 23.15 -1.76 -15.39
N GLU A 288 24.09 -2.68 -15.13
CA GLU A 288 25.53 -2.34 -15.07
C GLU A 288 26.01 -1.91 -16.47
N THR A 289 25.23 -2.25 -17.51
CA THR A 289 25.61 -2.05 -18.93
C THR A 289 25.00 -0.76 -19.49
N THR A 290 24.43 0.09 -18.65
CA THR A 290 23.84 1.40 -19.08
C THR A 290 24.75 2.55 -18.64
N SER A 291 25.05 3.44 -19.59
CA SER A 291 25.99 4.59 -19.44
C SER A 291 25.79 5.26 -18.08
N LYS A 292 26.85 5.32 -17.27
CA LYS A 292 26.89 6.08 -15.99
C LYS A 292 26.55 7.55 -16.27
N GLN A 293 26.68 7.98 -17.53
CA GLN A 293 26.32 9.35 -17.98
C GLN A 293 24.80 9.51 -17.98
N ILE A 294 24.06 8.47 -18.36
CA ILE A 294 22.57 8.48 -18.46
C ILE A 294 21.98 8.28 -17.06
N ARG A 295 22.60 7.41 -16.26
CA ARG A 295 22.44 7.37 -14.79
C ARG A 295 22.58 8.79 -14.22
N SER A 296 23.73 9.42 -14.48
CA SER A 296 24.08 10.79 -13.99
C SER A 296 22.90 11.73 -14.21
N LEU A 298 19.75 11.20 -14.53
CA LEU A 298 18.44 10.77 -14.09
C LEU A 298 18.37 10.80 -12.57
N GLN A 299 19.52 10.96 -11.89
CA GLN A 299 19.62 11.15 -10.43
C GLN A 299 19.37 12.62 -10.09
N GLU B 7 14.18 -23.37 30.65
CA GLU B 7 15.01 -23.00 31.83
C GLU B 7 14.53 -21.67 32.41
N LYS B 8 15.28 -21.11 33.36
CA LYS B 8 14.97 -19.81 34.02
C LYS B 8 15.60 -18.67 33.22
N GLU B 9 16.36 -19.00 32.18
CA GLU B 9 16.96 -18.03 31.22
C GLU B 9 15.83 -17.43 30.35
N ILE B 10 14.86 -18.26 29.96
CA ILE B 10 13.67 -17.86 29.16
C ILE B 10 12.94 -16.71 29.87
N TYR B 11 12.75 -16.84 31.19
CA TYR B 11 12.11 -15.80 32.04
C TYR B 11 12.95 -14.53 32.01
N ASN B 12 14.28 -14.68 32.09
CA ASN B 12 15.26 -13.57 32.20
C ASN B 12 15.42 -12.90 30.83
N GLN B 13 15.08 -13.62 29.76
CA GLN B 13 15.23 -13.16 28.36
C GLN B 13 14.10 -12.17 28.02
N VAL B 14 13.01 -12.21 28.78
CA VAL B 14 11.74 -11.49 28.46
C VAL B 14 11.70 -10.16 29.22
N ASN B 15 12.35 -10.09 30.38
CA ASN B 15 12.37 -8.88 31.25
C ASN B 15 13.29 -7.83 30.62
N VAL B 16 14.38 -8.28 29.99
CA VAL B 16 15.29 -7.41 29.18
C VAL B 16 14.52 -6.92 27.94
N VAL B 17 13.60 -7.74 27.42
CA VAL B 17 12.73 -7.41 26.26
C VAL B 17 11.64 -6.44 26.73
N LEU B 18 11.09 -6.67 27.92
CA LEU B 18 9.92 -5.92 28.46
C LEU B 18 10.40 -4.56 28.97
N LYS B 19 11.69 -4.44 29.30
CA LYS B 19 12.34 -3.15 29.68
C LYS B 19 12.57 -2.30 28.43
N ASP B 20 12.92 -2.93 27.32
CA ASP B 20 13.19 -2.27 26.01
C ASP B 20 11.86 -1.77 25.43
N ALA B 21 10.75 -2.43 25.80
CA ALA B 21 9.40 -2.23 25.23
C ALA B 21 8.91 -0.82 25.58
N GLU B 22 9.29 -0.32 26.76
CA GLU B 22 8.84 1.01 27.29
C GLU B 22 9.58 2.11 26.52
N GLY B 23 10.83 1.84 26.11
CA GLY B 23 11.61 2.72 25.20
C GLY B 23 10.98 2.81 23.82
N ILE B 24 10.59 1.66 23.26
CA ILE B 24 9.94 1.55 21.92
C ILE B 24 8.70 2.45 21.91
N LEU B 25 7.91 2.40 22.99
CA LEU B 25 6.58 3.08 23.08
C LEU B 25 6.80 4.61 23.08
N GLU B 26 7.83 5.09 23.77
CA GLU B 26 8.13 6.54 23.90
C GLU B 26 8.73 7.04 22.57
N ASP B 27 9.43 6.16 21.85
CA ASP B 27 9.89 6.40 20.45
C ASP B 27 8.67 6.68 19.57
N LEU B 28 7.65 5.81 19.63
CA LEU B 28 6.44 5.88 18.77
C LEU B 28 5.61 7.11 19.16
N GLN B 29 5.62 7.46 20.45
CA GLN B 29 4.87 8.61 21.02
C GLN B 29 5.44 9.92 20.43
N SER B 30 6.76 9.95 20.22
CA SER B 30 7.52 11.16 19.80
C SER B 30 7.67 11.18 18.28
N TYR B 31 7.13 10.16 17.60
CA TYR B 31 7.22 9.99 16.13
C TYR B 31 6.68 11.23 15.43
N ARG B 32 7.58 12.07 14.92
CA ARG B 32 7.25 13.33 14.20
C ARG B 32 6.24 13.03 13.09
N GLY B 33 6.61 12.15 12.16
CA GLY B 33 5.97 12.02 10.83
C GLY B 33 6.45 13.09 9.88
N ALA B 34 6.55 12.77 8.58
CA ALA B 34 7.07 13.66 7.52
C ALA B 34 5.94 14.02 6.55
N GLY B 35 4.70 14.09 7.08
CA GLY B 35 3.47 14.28 6.27
C GLY B 35 3.55 15.50 5.38
N HIS B 36 3.62 16.69 5.98
CA HIS B 36 3.63 18.00 5.28
C HIS B 36 4.79 18.03 4.28
N GLU B 37 6.01 17.70 4.75
CA GLU B 37 7.25 17.72 3.93
C GLU B 37 7.01 16.96 2.62
N ILE B 38 6.39 15.79 2.70
CA ILE B 38 6.23 14.83 1.57
C ILE B 38 5.14 15.33 0.61
N ARG B 39 4.01 15.78 1.17
CA ARG B 39 2.87 16.37 0.40
C ARG B 39 3.39 17.46 -0.53
N GLU B 40 4.32 18.30 -0.04
CA GLU B 40 4.91 19.44 -0.79
C GLU B 40 5.87 18.90 -1.86
N ALA B 41 6.75 17.97 -1.47
CA ALA B 41 7.77 17.37 -2.35
C ALA B 41 7.08 16.68 -3.53
N ILE B 42 5.96 15.98 -3.26
CA ILE B 42 5.16 15.24 -4.27
C ILE B 42 4.55 16.23 -5.26
N GLN B 43 4.09 17.38 -4.76
CA GLN B 43 3.21 18.34 -5.48
C GLN B 43 4.09 19.31 -6.29
N HIS B 44 5.37 19.39 -5.94
CA HIS B 44 6.39 20.23 -6.63
C HIS B 44 7.64 19.40 -6.92
N PRO B 45 7.52 18.34 -7.75
CA PRO B 45 8.55 17.31 -7.84
C PRO B 45 9.87 17.78 -8.46
N ALA B 46 9.86 18.94 -9.12
CA ALA B 46 11.04 19.54 -9.80
C ALA B 46 11.91 20.25 -8.76
N ASP B 47 11.28 20.90 -7.77
CA ASP B 47 11.97 21.72 -6.73
C ASP B 47 12.80 20.81 -5.84
N GLU B 48 14.13 20.80 -6.05
CA GLU B 48 15.07 19.82 -5.45
C GLU B 48 15.23 20.11 -3.95
N LYS B 49 14.98 21.37 -3.54
CA LYS B 49 14.99 21.80 -2.13
C LYS B 49 13.97 20.97 -1.34
N LEU B 50 12.75 20.84 -1.86
CA LEU B 50 11.61 20.16 -1.18
C LEU B 50 11.88 18.66 -1.12
N GLN B 51 12.59 18.12 -2.11
CA GLN B 51 12.96 16.68 -2.19
C GLN B 51 14.07 16.38 -1.19
N GLU B 52 15.00 17.34 -1.00
CA GLU B 52 16.03 17.31 0.07
C GLU B 52 15.35 17.31 1.45
N LYS B 53 14.53 18.33 1.71
CA LYS B 53 13.76 18.48 2.97
C LYS B 53 13.10 17.15 3.33
N ALA B 54 12.36 16.57 2.38
CA ALA B 54 11.46 15.40 2.59
C ALA B 54 12.30 14.18 2.98
N TRP B 55 13.36 13.90 2.22
CA TRP B 55 14.32 12.78 2.47
C TRP B 55 14.95 12.97 3.85
N GLY B 56 15.49 14.16 4.13
CA GLY B 56 16.09 14.53 5.42
C GLY B 56 15.21 14.13 6.59
N ALA B 57 13.92 14.45 6.51
CA ALA B 57 12.92 14.30 7.60
C ALA B 57 12.56 12.82 7.77
N VAL B 58 12.76 12.02 6.72
CA VAL B 58 12.10 10.69 6.54
C VAL B 58 13.07 9.59 7.00
N VAL B 59 14.37 9.79 6.81
CA VAL B 59 15.43 8.77 7.06
C VAL B 59 15.45 8.44 8.56
N PRO B 60 15.33 9.46 9.44
CA PRO B 60 15.30 9.23 10.88
C PRO B 60 14.07 8.42 11.30
N LEU B 61 12.91 8.78 10.72
CA LEU B 61 11.59 8.14 11.03
C LEU B 61 11.63 6.67 10.63
N VAL B 62 12.27 6.36 9.49
CA VAL B 62 12.39 4.99 8.92
C VAL B 62 13.44 4.22 9.73
N GLY B 63 14.35 4.93 10.38
CA GLY B 63 15.25 4.38 11.43
C GLY B 63 14.45 3.82 12.59
N LYS B 64 13.43 4.56 13.04
CA LYS B 64 12.50 4.17 14.13
C LYS B 64 11.63 3.01 13.66
N LEU B 65 11.10 3.10 12.43
CA LEU B 65 10.17 2.11 11.83
C LEU B 65 10.87 0.75 11.75
N LYS B 66 12.18 0.75 11.51
CA LYS B 66 13.03 -0.45 11.44
C LYS B 66 13.22 -1.02 12.85
N LYS B 67 13.47 -0.15 13.82
CA LYS B 67 13.54 -0.47 15.27
C LYS B 67 12.28 -1.25 15.67
N PHE B 68 11.10 -0.65 15.44
CA PHE B 68 9.78 -1.18 15.87
C PHE B 68 9.62 -2.60 15.33
N TYR B 69 9.89 -2.80 14.03
CA TYR B 69 9.72 -4.10 13.32
C TYR B 69 10.69 -5.13 13.93
N GLU B 70 11.96 -4.77 14.02
CA GLU B 70 13.02 -5.61 14.65
C GLU B 70 12.53 -6.11 16.01
N PHE B 71 11.97 -5.22 16.83
CA PHE B 71 11.52 -5.51 18.21
C PHE B 71 10.37 -6.52 18.16
N SER B 72 9.46 -6.35 17.20
CA SER B 72 8.30 -7.26 16.96
C SER B 72 8.78 -8.71 16.81
N GLN B 73 9.96 -8.88 16.19
CA GLN B 73 10.66 -10.19 16.07
C GLN B 73 11.02 -10.72 17.47
N ARG B 74 11.62 -9.86 18.29
CA ARG B 74 12.03 -10.19 19.69
C ARG B 74 10.80 -10.54 20.51
N LEU B 75 9.80 -9.65 20.52
CA LEU B 75 8.48 -9.85 21.18
C LEU B 75 7.92 -11.22 20.77
N GLU B 76 7.92 -11.50 19.46
CA GLU B 76 7.30 -12.71 18.86
C GLU B 76 7.91 -13.96 19.52
N ALA B 77 9.24 -14.06 19.54
CA ALA B 77 10.00 -15.20 20.09
C ALA B 77 9.79 -15.27 21.60
N ALA B 78 9.78 -14.11 22.27
CA ALA B 78 9.57 -13.98 23.74
C ALA B 78 8.26 -14.64 24.14
N LEU B 79 7.17 -14.37 23.39
CA LEU B 79 5.83 -14.95 23.65
C LEU B 79 5.89 -16.47 23.50
N ARG B 80 6.52 -16.95 22.43
CA ARG B 80 6.59 -18.38 22.05
C ARG B 80 7.36 -19.15 23.14
N GLY B 81 8.41 -18.52 23.69
CA GLY B 81 9.07 -18.95 24.94
C GLY B 81 8.09 -19.09 26.09
N LEU B 82 7.37 -18.02 26.41
CA LEU B 82 6.43 -17.96 27.56
C LEU B 82 5.42 -19.10 27.45
N LEU B 83 4.85 -19.29 26.26
CA LEU B 83 3.82 -20.33 25.96
C LEU B 83 4.43 -21.72 26.18
N GLY B 84 5.62 -21.95 25.60
CA GLY B 84 6.47 -23.12 25.90
C GLY B 84 6.47 -23.47 27.37
N ALA B 85 6.86 -22.51 28.22
CA ALA B 85 7.05 -22.68 29.68
C ALA B 85 5.70 -22.97 30.35
N LEU B 86 4.65 -22.25 29.95
CA LEU B 86 3.35 -22.19 30.68
C LEU B 86 2.57 -23.49 30.45
N THR B 87 2.59 -23.99 29.20
CA THR B 87 1.60 -24.96 28.66
C THR B 87 2.14 -26.38 28.79
N SER B 88 3.40 -26.51 29.23
CA SER B 88 4.15 -27.80 29.29
C SER B 88 3.83 -28.52 30.61
N THR B 89 3.39 -27.77 31.62
CA THR B 89 3.25 -28.22 33.03
C THR B 89 1.79 -28.14 33.44
N PRO B 90 1.30 -29.10 34.27
CA PRO B 90 0.01 -28.92 34.96
C PRO B 90 0.01 -27.61 35.76
N TYR B 91 -1.17 -27.01 35.95
CA TYR B 91 -1.38 -25.87 36.88
C TYR B 91 -1.20 -26.36 38.32
N SER B 92 -0.31 -25.70 39.08
CA SER B 92 -0.03 -25.98 40.51
C SER B 92 -0.44 -24.80 41.37
N PRO B 93 -1.61 -24.88 42.05
CA PRO B 93 -2.12 -23.77 42.84
C PRO B 93 -1.26 -23.50 44.10
N THR B 94 -0.59 -24.55 44.59
CA THR B 94 0.18 -24.55 45.86
C THR B 94 1.68 -24.63 45.54
N GLN B 95 2.10 -25.73 44.91
CA GLN B 95 3.54 -26.11 44.75
C GLN B 95 4.28 -25.01 43.99
N HIS B 96 4.01 -24.88 42.68
CA HIS B 96 4.76 -24.01 41.75
C HIS B 96 3.84 -22.88 41.25
N LEU B 97 3.26 -22.11 42.17
CA LEU B 97 2.40 -20.94 41.83
C LEU B 97 3.26 -19.72 41.49
N GLU B 98 4.24 -19.41 42.34
CA GLU B 98 5.13 -18.23 42.16
C GLU B 98 5.65 -18.21 40.72
N ARG B 99 6.06 -19.38 40.20
CA ARG B 99 6.59 -19.53 38.82
C ARG B 99 5.47 -19.26 37.82
N GLU B 100 4.30 -19.88 38.02
CA GLU B 100 3.11 -19.71 37.16
C GLU B 100 2.75 -18.21 37.08
N GLN B 101 2.49 -17.59 38.23
CA GLN B 101 2.11 -16.16 38.35
C GLN B 101 3.16 -15.30 37.64
N ALA B 102 4.44 -15.69 37.73
CA ALA B 102 5.60 -14.94 37.18
C ALA B 102 5.55 -14.95 35.65
N LEU B 103 5.27 -16.11 35.06
CA LEU B 103 5.15 -16.30 33.59
C LEU B 103 3.89 -15.59 33.09
N ALA B 104 2.77 -15.80 33.78
CA ALA B 104 1.47 -15.13 33.53
C ALA B 104 1.66 -13.62 33.47
N LYS B 105 2.30 -13.04 34.50
CA LYS B 105 2.49 -11.57 34.63
C LYS B 105 3.25 -11.05 33.41
N GLN B 106 4.27 -11.79 32.97
CA GLN B 106 5.11 -11.45 31.79
C GLN B 106 4.27 -11.51 30.51
N PHE B 107 3.40 -12.53 30.40
CA PHE B 107 2.44 -12.70 29.28
C PHE B 107 1.53 -11.47 29.22
N ALA B 108 0.94 -11.10 30.35
CA ALA B 108 0.02 -9.95 30.51
C ALA B 108 0.74 -8.65 30.10
N GLU B 109 2.01 -8.53 30.49
CA GLU B 109 2.83 -7.30 30.29
C GLU B 109 3.19 -7.16 28.81
N ILE B 110 3.39 -8.30 28.12
CA ILE B 110 3.59 -8.35 26.64
C ILE B 110 2.34 -7.79 25.95
N LEU B 111 1.16 -8.20 26.42
CA LEU B 111 -0.15 -7.84 25.81
C LEU B 111 -0.47 -6.38 26.11
N HIS B 112 -0.06 -5.89 27.28
CA HIS B 112 -0.19 -4.46 27.70
C HIS B 112 0.56 -3.56 26.71
N PHE B 113 1.86 -3.83 26.51
CA PHE B 113 2.70 -3.15 25.49
C PHE B 113 2.00 -3.23 24.12
N THR B 114 1.65 -4.46 23.71
CA THR B 114 1.17 -4.78 22.34
C THR B 114 0.03 -3.82 21.97
N LEU B 115 -0.99 -3.73 22.83
CA LEU B 115 -2.22 -2.92 22.57
C LEU B 115 -1.87 -1.44 22.59
N ARG B 116 -1.00 -1.02 23.52
CA ARG B 116 -0.57 0.39 23.70
C ARG B 116 0.16 0.86 22.43
N PHE B 117 1.05 0.03 21.90
CA PHE B 117 1.80 0.27 20.63
C PHE B 117 0.82 0.44 19.48
N ASP B 118 -0.16 -0.48 19.39
CA ASP B 118 -1.07 -0.61 18.21
C ASP B 118 -2.10 0.52 18.25
N GLU B 119 -2.53 0.92 19.45
CA GLU B 119 -3.44 2.07 19.69
C GLU B 119 -2.79 3.34 19.10
N LEU B 120 -1.51 3.56 19.38
CA LEU B 120 -0.74 4.76 18.96
C LEU B 120 -0.51 4.71 17.45
N LYS B 121 -0.19 3.52 16.92
CA LYS B 121 0.05 3.27 15.47
C LYS B 121 -1.19 3.69 14.69
N THR B 123 -3.48 5.67 15.32
CA THR B 123 -3.86 7.07 15.44
C THR B 123 -2.79 7.95 14.79
N ASN B 124 -1.71 7.34 14.29
CA ASN B 124 -0.56 8.04 13.65
C ASN B 124 -0.77 8.04 12.13
N PRO B 125 -1.13 9.19 11.52
CA PRO B 125 -1.55 9.23 10.13
C PRO B 125 -0.35 9.19 9.15
N ALA B 126 0.87 9.21 9.68
CA ALA B 126 2.11 9.50 8.93
C ALA B 126 2.77 8.19 8.48
N ILE B 127 2.73 7.16 9.34
CA ILE B 127 3.73 6.06 9.39
C ILE B 127 3.79 5.38 8.02
N GLN B 128 2.63 5.00 7.48
CA GLN B 128 2.50 4.21 6.22
C GLN B 128 2.99 5.06 5.04
N ASN B 129 2.56 6.31 4.99
N ASN B 129 2.55 6.32 4.98
CA ASN B 129 2.91 7.29 3.93
CA ASN B 129 2.92 7.28 3.91
C ASN B 129 4.42 7.55 3.97
C ASN B 129 4.43 7.53 3.97
N ASP B 130 4.96 7.77 5.17
CA ASP B 130 6.42 7.99 5.40
C ASP B 130 7.20 6.89 4.68
N PHE B 131 6.91 5.63 4.98
CA PHE B 131 7.70 4.44 4.54
C PHE B 131 7.47 4.20 3.04
N SER B 132 6.24 4.49 2.57
CA SER B 132 5.87 4.47 1.13
C SER B 132 6.77 5.42 0.35
N TYR B 133 6.93 6.65 0.84
CA TYR B 133 7.79 7.71 0.23
C TYR B 133 9.26 7.26 0.27
N TYR B 134 9.71 6.77 1.43
CA TYR B 134 11.07 6.20 1.63
C TYR B 134 11.39 5.24 0.48
N ARG B 135 10.54 4.24 0.27
CA ARG B 135 10.80 3.09 -0.65
C ARG B 135 10.87 3.60 -2.09
N ARG B 136 9.98 4.53 -2.44
CA ARG B 136 9.97 5.23 -3.76
C ARG B 136 11.29 5.95 -3.97
N THR B 137 11.70 6.74 -2.97
CA THR B 137 12.86 7.68 -3.05
C THR B 137 14.16 6.88 -2.99
N LEU B 138 14.13 5.72 -2.31
CA LEU B 138 15.26 4.76 -2.25
C LEU B 138 15.56 4.23 -3.65
N SER B 139 14.51 4.00 -4.46
CA SER B 139 14.58 3.42 -5.82
C SER B 139 15.17 4.44 -6.80
N ARG B 140 15.04 5.73 -6.48
CA ARG B 140 15.66 6.85 -7.23
C ARG B 140 17.17 6.85 -7.00
N ARG B 142 19.12 4.46 -5.92
CA ARG B 142 19.75 3.21 -6.35
C ARG B 142 20.14 3.33 -7.84
N ILE B 143 19.64 4.35 -8.51
CA ILE B 143 20.04 4.74 -9.91
C ILE B 143 21.57 4.74 -9.99
N ASN B 144 22.22 5.62 -9.22
CA ASN B 144 23.67 5.93 -9.30
C ASN B 144 24.43 5.00 -8.34
N ASN B 145 23.71 4.10 -7.68
CA ASN B 145 24.20 3.32 -6.50
C ASN B 145 24.86 4.30 -5.51
N VAL B 146 24.05 5.12 -4.84
CA VAL B 146 24.49 6.03 -3.74
C VAL B 146 25.11 5.18 -2.63
N PRO B 147 24.57 3.97 -2.36
CA PRO B 147 25.31 2.92 -1.67
C PRO B 147 26.16 2.07 -2.64
N ASN B 156 14.30 -4.07 -0.13
CA ASN B 156 14.66 -5.47 -0.42
C ASN B 156 13.69 -6.40 0.32
N GLU B 157 14.12 -7.61 0.66
CA GLU B 157 13.32 -8.62 1.39
C GLU B 157 12.69 -7.97 2.63
N LEU B 158 13.52 -7.32 3.44
CA LEU B 158 13.11 -6.72 4.75
C LEU B 158 12.04 -5.66 4.51
N ALA B 159 12.21 -4.82 3.48
CA ALA B 159 11.30 -3.69 3.16
C ALA B 159 9.89 -4.21 2.88
N ASN B 160 9.79 -5.35 2.18
CA ASN B 160 8.49 -5.97 1.81
C ASN B 160 7.80 -6.47 3.08
N ARG B 161 8.58 -7.00 4.02
CA ARG B 161 8.11 -7.47 5.35
C ARG B 161 7.57 -6.28 6.15
N SER B 163 6.61 -3.32 5.04
CA SER B 163 5.48 -2.73 4.34
C SER B 163 4.18 -3.45 4.73
N LEU B 164 4.21 -4.78 4.77
CA LEU B 164 3.07 -5.65 5.15
C LEU B 164 2.75 -5.45 6.64
N PHE B 165 3.78 -5.47 7.48
CA PHE B 165 3.71 -5.24 8.94
C PHE B 165 2.86 -3.99 9.22
N TYR B 166 3.18 -2.89 8.54
CA TYR B 166 2.66 -1.52 8.84
C TYR B 166 1.38 -1.27 8.05
N ALA B 167 1.02 -2.20 7.17
CA ALA B 167 -0.29 -2.24 6.47
C ALA B 167 -1.36 -2.84 7.40
N GLU B 168 -0.92 -3.57 8.43
CA GLU B 168 -1.81 -4.17 9.47
C GLU B 168 -2.42 -3.04 10.32
N ALA B 169 -3.73 -3.13 10.58
CA ALA B 169 -4.45 -2.27 11.56
C ALA B 169 -3.69 -2.27 12.89
N THR B 170 -3.39 -3.48 13.41
CA THR B 170 -2.72 -3.69 14.72
C THR B 170 -1.48 -4.55 14.53
N PRO B 171 -0.34 -3.96 14.11
CA PRO B 171 0.83 -4.74 13.69
C PRO B 171 1.31 -5.72 14.75
N LEU B 173 -0.12 -6.94 17.44
CA LEU B 173 -1.07 -7.93 17.88
C LEU B 173 -1.22 -9.00 16.81
N LYS B 174 -1.17 -8.60 15.53
CA LYS B 174 -1.10 -9.50 14.36
C LYS B 174 0.12 -10.42 14.49
N THR B 175 1.27 -9.84 14.83
CA THR B 175 2.56 -10.56 15.01
C THR B 175 2.38 -11.65 16.08
N LEU B 176 1.60 -11.35 17.14
CA LEU B 176 1.43 -12.23 18.33
C LEU B 176 0.37 -13.28 18.01
N SER B 177 -0.66 -12.91 17.25
CA SER B 177 -1.68 -13.83 16.69
C SER B 177 -1.00 -14.89 15.81
N ASP B 178 -0.11 -14.45 14.92
CA ASP B 178 0.71 -15.31 14.04
C ASP B 178 1.61 -16.20 14.91
N ALA B 179 2.21 -15.62 15.95
CA ALA B 179 3.22 -16.25 16.83
C ALA B 179 2.55 -17.35 17.67
N THR B 180 1.27 -17.18 17.98
CA THR B 180 0.46 -18.09 18.82
C THR B 180 -0.05 -19.24 17.96
N THR B 181 -0.62 -18.93 16.79
CA THR B 181 -0.99 -19.90 15.74
C THR B 181 0.22 -20.80 15.43
N LYS B 182 1.41 -20.20 15.37
CA LYS B 182 2.69 -20.90 15.08
C LYS B 182 2.98 -21.91 16.18
N PHE B 183 2.88 -21.49 17.45
CA PHE B 183 3.29 -22.28 18.64
C PHE B 183 2.39 -23.52 18.76
N VAL B 184 1.08 -23.30 18.73
CA VAL B 184 0.04 -24.37 18.68
C VAL B 184 0.42 -25.36 17.57
N SER B 185 0.75 -24.85 16.38
CA SER B 185 1.06 -25.64 15.16
C SER B 185 2.20 -26.61 15.44
N GLU B 186 3.25 -26.12 16.11
CA GLU B 186 4.57 -26.80 16.21
C GLU B 186 4.67 -27.52 17.56
N ASN B 187 3.56 -27.55 18.31
CA ASN B 187 3.39 -28.36 19.55
C ASN B 187 2.02 -29.04 19.51
N LYS B 188 1.73 -29.73 18.41
CA LYS B 188 0.51 -30.57 18.24
C LYS B 188 0.41 -31.58 19.38
N ASN B 189 1.53 -31.90 20.03
CA ASN B 189 1.64 -32.97 21.06
C ASN B 189 0.88 -32.53 22.33
N LEU B 190 1.01 -31.26 22.70
CA LEU B 190 0.19 -30.61 23.76
C LEU B 190 -1.24 -30.49 23.28
N PRO B 191 -2.24 -30.73 24.16
CA PRO B 191 -3.64 -30.43 23.84
C PRO B 191 -3.85 -28.92 23.61
N ILE B 192 -4.65 -28.56 22.61
CA ILE B 192 -4.92 -27.14 22.23
C ILE B 192 -5.46 -26.39 23.46
N GLU B 193 -6.19 -27.10 24.31
CA GLU B 193 -6.89 -26.52 25.49
C GLU B 193 -5.86 -25.92 26.46
N ASN B 194 -4.67 -26.54 26.52
CA ASN B 194 -3.55 -26.11 27.41
C ASN B 194 -3.19 -24.65 27.11
N THR B 195 -3.24 -24.25 25.84
CA THR B 195 -2.95 -22.87 25.38
C THR B 195 -4.20 -22.00 25.58
N THR B 196 -5.35 -22.47 25.09
CA THR B 196 -6.60 -21.68 24.95
C THR B 196 -7.20 -21.41 26.35
N ASP B 197 -6.90 -22.29 27.30
CA ASP B 197 -7.42 -22.20 28.70
C ASP B 197 -6.58 -21.17 29.48
N CYS B 198 -5.29 -21.06 29.15
CA CYS B 198 -4.39 -19.94 29.57
C CYS B 198 -5.01 -18.60 29.16
N LEU B 199 -5.41 -18.48 27.89
CA LEU B 199 -5.99 -17.24 27.30
C LEU B 199 -7.34 -16.94 27.96
N SER B 200 -8.18 -17.97 28.11
CA SER B 200 -9.62 -17.84 28.49
C SER B 200 -9.72 -17.52 29.98
N THR B 201 -8.85 -18.11 30.81
CA THR B 201 -8.78 -17.87 32.28
C THR B 201 -8.30 -16.43 32.54
N ALA B 203 -8.49 -13.88 30.43
CA ALA B 203 -9.61 -13.05 29.96
C ALA B 203 -10.65 -12.92 31.08
N SER B 204 -10.98 -14.04 31.74
CA SER B 204 -12.07 -14.14 32.74
C SER B 204 -11.64 -13.45 34.05
N VAL B 205 -10.38 -13.64 34.45
CA VAL B 205 -9.77 -12.98 35.65
C VAL B 205 -9.81 -11.47 35.45
N CYS B 206 -9.39 -11.00 34.27
CA CYS B 206 -9.43 -9.57 33.85
C CYS B 206 -10.84 -9.01 34.03
N ARG B 207 -11.85 -9.75 33.56
CA ARG B 207 -13.29 -9.33 33.60
C ARG B 207 -13.71 -9.19 35.07
N VAL B 208 -13.22 -10.08 35.93
CA VAL B 208 -13.55 -10.12 37.39
C VAL B 208 -13.01 -8.84 38.05
N LEU B 210 -12.54 -6.11 36.83
CA LEU B 210 -13.17 -4.95 36.21
C LEU B 210 -14.62 -4.85 36.69
N GLU B 211 -15.28 -5.99 36.89
CA GLU B 211 -16.75 -6.08 37.09
C GLU B 211 -17.06 -6.23 38.58
N THR B 212 -16.23 -6.99 39.30
CA THR B 212 -16.53 -7.52 40.67
C THR B 212 -16.41 -6.39 41.69
N PRO B 213 -15.29 -5.63 41.69
CA PRO B 213 -15.04 -4.63 42.74
C PRO B 213 -16.09 -3.52 42.75
N GLU B 214 -16.34 -2.94 43.92
CA GLU B 214 -17.37 -1.88 44.13
C GLU B 214 -16.86 -0.56 43.52
N TYR B 215 -17.75 0.41 43.33
CA TYR B 215 -17.48 1.72 42.68
C TYR B 215 -16.15 2.28 43.22
N ARG B 216 -16.11 2.54 44.53
CA ARG B 216 -14.91 3.04 45.24
C ARG B 216 -14.24 1.87 45.98
N SER B 217 -13.09 1.41 45.48
CA SER B 217 -12.26 0.34 46.11
C SER B 217 -10.79 0.49 45.72
N ARG B 218 -9.90 -0.22 46.40
CA ARG B 218 -8.45 -0.31 46.08
C ARG B 218 -8.28 -0.86 44.66
N PHE B 219 -9.34 -1.46 44.11
CA PHE B 219 -9.32 -2.19 42.80
C PHE B 219 -9.71 -1.22 41.68
N THR B 220 -10.43 -0.15 42.04
CA THR B 220 -10.96 0.88 41.10
C THR B 220 -9.97 2.05 41.01
N ASN B 221 -8.89 1.88 40.23
CA ASN B 221 -7.97 2.97 39.83
C ASN B 221 -7.62 2.82 38.35
N GLU B 222 -7.25 3.93 37.69
CA GLU B 222 -7.17 4.03 36.21
C GLU B 222 -6.16 2.99 35.70
N GLU B 223 -5.06 2.78 36.44
CA GLU B 223 -3.89 1.98 35.98
C GLU B 223 -4.28 0.50 36.01
N THR B 224 -5.15 0.09 36.93
CA THR B 224 -5.74 -1.27 36.99
C THR B 224 -6.69 -1.47 35.81
N VAL B 225 -7.67 -0.58 35.65
CA VAL B 225 -8.73 -0.65 34.61
C VAL B 225 -8.05 -0.69 33.23
N SER B 226 -7.06 0.18 33.03
CA SER B 226 -6.39 0.41 31.72
C SER B 226 -5.53 -0.80 31.36
N PHE B 227 -4.88 -1.41 32.36
CA PHE B 227 -4.07 -2.65 32.23
C PHE B 227 -4.98 -3.80 31.81
N CYS B 228 -6.08 -4.01 32.53
CA CYS B 228 -6.92 -5.23 32.50
C CYS B 228 -7.72 -5.27 31.18
N LEU B 229 -8.13 -4.10 30.69
CA LEU B 229 -8.87 -3.95 29.41
C LEU B 229 -7.96 -4.35 28.24
N ARG B 230 -6.70 -3.89 28.26
CA ARG B 230 -5.72 -4.23 27.21
C ARG B 230 -5.51 -5.75 27.19
N VAL B 231 -5.02 -6.28 28.32
CA VAL B 231 -4.72 -7.74 28.47
C VAL B 231 -5.92 -8.55 28.00
N VAL B 233 -8.58 -7.81 25.98
CA VAL B 233 -8.79 -7.70 24.55
C VAL B 233 -7.68 -8.50 23.84
N GLY B 234 -6.43 -8.28 24.25
CA GLY B 234 -5.27 -9.11 23.86
C GLY B 234 -5.63 -10.58 23.72
N VAL B 235 -6.06 -11.21 24.82
CA VAL B 235 -6.08 -12.69 24.98
C VAL B 235 -7.26 -13.28 24.20
N ILE B 236 -8.37 -12.54 24.11
CA ILE B 236 -9.63 -13.01 23.47
C ILE B 236 -9.45 -12.96 21.94
N ILE B 237 -8.50 -12.14 21.46
CA ILE B 237 -8.15 -12.03 20.01
C ILE B 237 -7.21 -13.18 19.64
N LEU B 238 -6.20 -13.43 20.46
CA LEU B 238 -5.30 -14.62 20.35
C LEU B 238 -6.14 -15.90 20.36
N TYR B 239 -7.04 -16.01 21.36
CA TYR B 239 -8.01 -17.13 21.51
C TYR B 239 -8.78 -17.31 20.19
N ASP B 240 -9.27 -16.22 19.62
CA ASP B 240 -10.16 -16.22 18.42
C ASP B 240 -9.41 -16.88 17.25
N HIS B 241 -8.09 -16.76 17.23
CA HIS B 241 -7.21 -17.16 16.10
C HIS B 241 -6.87 -18.65 16.19
N VAL B 242 -6.73 -19.17 17.42
CA VAL B 242 -6.08 -20.50 17.69
C VAL B 242 -7.14 -21.52 18.11
N HIS B 243 -8.21 -21.07 18.79
CA HIS B 243 -9.33 -21.95 19.23
C HIS B 243 -10.19 -22.32 18.03
N PRO B 244 -10.46 -23.63 17.81
CA PRO B 244 -11.19 -24.08 16.63
C PRO B 244 -12.52 -23.33 16.44
N VAL B 245 -13.32 -23.26 17.50
CA VAL B 245 -14.67 -22.62 17.52
C VAL B 245 -14.51 -21.10 17.35
N GLY B 246 -13.47 -20.53 17.93
CA GLY B 246 -13.27 -19.07 18.02
C GLY B 246 -13.94 -18.46 19.24
N ALA B 247 -13.89 -17.12 19.36
CA ALA B 247 -14.18 -16.37 20.61
C ALA B 247 -15.61 -15.82 20.56
N PHE B 248 -16.30 -15.99 19.43
CA PHE B 248 -17.54 -15.25 19.06
C PHE B 248 -18.74 -16.20 19.11
N ALA B 249 -18.47 -17.52 19.05
CA ALA B 249 -19.47 -18.61 19.20
C ALA B 249 -20.33 -18.33 20.44
N LYS B 250 -21.64 -18.59 20.35
CA LYS B 250 -22.64 -18.30 21.41
C LYS B 250 -22.27 -19.08 22.68
N THR B 251 -21.86 -20.34 22.51
CA THR B 251 -21.29 -21.21 23.59
C THR B 251 -19.77 -21.18 23.51
N SER B 252 -19.16 -20.04 23.84
CA SER B 252 -17.70 -19.89 24.06
C SER B 252 -17.45 -19.39 25.50
N LYS B 253 -16.43 -19.96 26.17
CA LYS B 253 -16.09 -19.67 27.58
C LYS B 253 -15.49 -18.26 27.68
N ILE B 254 -15.42 -17.55 26.56
CA ILE B 254 -14.86 -16.17 26.45
C ILE B 254 -15.97 -15.17 26.81
N ASP B 255 -17.21 -15.46 26.42
CA ASP B 255 -18.37 -14.55 26.53
C ASP B 255 -18.00 -13.19 25.93
N LYS B 257 -19.87 -11.02 24.12
CA LYS B 257 -20.89 -10.02 24.40
C LYS B 257 -20.57 -9.33 25.72
N GLY B 258 -20.41 -10.13 26.79
CA GLY B 258 -20.04 -9.64 28.13
C GLY B 258 -18.76 -8.81 28.09
N CYS B 259 -17.79 -9.22 27.25
CA CYS B 259 -16.46 -8.58 27.13
C CYS B 259 -16.60 -7.18 26.53
N ILE B 260 -17.40 -7.06 25.47
CA ILE B 260 -17.63 -5.78 24.73
C ILE B 260 -18.37 -4.80 25.66
N LYS B 261 -19.21 -5.34 26.57
CA LYS B 261 -20.04 -4.55 27.51
C LYS B 261 -19.14 -3.73 28.43
N VAL B 262 -18.08 -4.36 28.97
CA VAL B 262 -17.11 -3.71 29.90
C VAL B 262 -16.36 -2.61 29.14
N LEU B 263 -16.15 -2.81 27.83
CA LEU B 263 -15.49 -1.83 26.94
C LEU B 263 -16.41 -0.62 26.73
N LYS B 264 -17.68 -0.88 26.40
CA LYS B 264 -18.71 0.15 26.12
C LYS B 264 -18.96 0.99 27.38
N ASP B 265 -18.54 0.48 28.54
CA ASP B 265 -18.78 1.11 29.86
C ASP B 265 -17.71 2.17 30.13
N GLN B 266 -16.69 2.23 29.27
CA GLN B 266 -15.47 3.08 29.46
C GLN B 266 -15.66 4.41 28.77
N PRO B 267 -14.89 5.45 29.16
CA PRO B 267 -14.80 6.70 28.41
C PRO B 267 -14.40 6.46 26.96
N PRO B 268 -15.33 6.63 25.99
CA PRO B 268 -15.17 6.06 24.65
C PRO B 268 -13.77 6.24 24.03
N ASN B 269 -13.09 7.36 24.32
CA ASN B 269 -11.81 7.73 23.66
C ASN B 269 -10.69 6.80 24.14
N SER B 270 -10.90 6.10 25.27
CA SER B 270 -9.85 5.29 25.96
C SER B 270 -9.89 3.84 25.48
N VAL B 271 -10.94 3.44 24.75
CA VAL B 271 -11.15 2.01 24.33
C VAL B 271 -11.47 1.92 22.84
N GLU B 272 -11.42 3.05 22.11
CA GLU B 272 -11.79 3.09 20.67
C GLU B 272 -10.77 2.27 19.88
N GLY B 273 -9.49 2.37 20.24
CA GLY B 273 -8.40 1.51 19.73
C GLY B 273 -8.70 0.03 19.94
N LEU B 274 -9.23 -0.33 21.11
CA LEU B 274 -9.48 -1.73 21.52
C LEU B 274 -10.65 -2.30 20.73
N LEU B 275 -11.66 -1.47 20.47
CA LEU B 275 -12.86 -1.86 19.67
C LEU B 275 -12.45 -2.05 18.21
N ASN B 276 -11.46 -1.28 17.75
CA ASN B 276 -10.93 -1.33 16.36
C ASN B 276 -10.14 -2.62 16.17
N ALA B 277 -9.36 -3.01 17.19
CA ALA B 277 -8.66 -4.32 17.27
C ALA B 277 -9.67 -5.44 17.05
N LEU B 278 -10.80 -5.40 17.76
CA LEU B 278 -11.88 -6.42 17.67
C LEU B 278 -12.49 -6.40 16.27
N ARG B 279 -12.58 -5.21 15.65
CA ARG B 279 -13.23 -5.00 14.34
C ARG B 279 -12.38 -5.66 13.24
N TYR B 280 -11.06 -5.55 13.35
CA TYR B 280 -10.11 -5.60 12.20
C TYR B 280 -9.23 -6.86 12.31
N THR B 281 -8.83 -7.22 13.54
CA THR B 281 -7.71 -8.15 13.81
C THR B 281 -8.25 -9.51 14.26
N THR B 282 -9.56 -9.71 14.19
CA THR B 282 -10.26 -10.95 14.64
C THR B 282 -10.44 -11.91 13.46
N LYS B 283 -10.84 -13.15 13.74
CA LYS B 283 -11.00 -14.24 12.74
C LYS B 283 -12.49 -14.42 12.42
N HIS B 284 -13.35 -14.37 13.44
CA HIS B 284 -14.66 -15.07 13.47
C HIS B 284 -15.80 -14.05 13.60
N LEU B 285 -15.46 -12.77 13.71
CA LEU B 285 -16.45 -11.66 13.85
C LEU B 285 -17.48 -11.77 12.72
N ASN B 286 -17.02 -12.03 11.49
CA ASN B 286 -17.80 -11.83 10.24
C ASN B 286 -18.44 -13.16 9.84
N ASP B 287 -18.40 -14.16 10.73
CA ASP B 287 -19.06 -15.47 10.56
C ASP B 287 -20.58 -15.25 10.39
N GLU B 288 -21.25 -16.12 9.63
CA GLU B 288 -22.73 -16.14 9.49
C GLU B 288 -23.35 -16.40 10.87
N THR B 289 -22.60 -17.09 11.75
CA THR B 289 -23.12 -17.75 12.98
C THR B 289 -22.75 -16.91 14.21
N THR B 290 -22.13 -15.74 14.00
CA THR B 290 -21.80 -14.76 15.07
C THR B 290 -23.01 -13.88 15.33
N SER B 291 -23.40 -13.76 16.61
CA SER B 291 -24.58 -12.97 17.07
C SER B 291 -24.67 -11.66 16.28
N LYS B 292 -25.87 -11.30 15.81
CA LYS B 292 -26.15 -9.97 15.19
C LYS B 292 -25.96 -8.89 16.25
N GLN B 293 -26.26 -9.22 17.51
CA GLN B 293 -26.12 -8.31 18.67
C GLN B 293 -24.66 -7.89 18.83
N ILE B 294 -23.72 -8.82 18.59
CA ILE B 294 -22.26 -8.58 18.75
C ILE B 294 -21.79 -7.64 17.64
N ARG B 295 -22.30 -7.84 16.42
CA ARG B 295 -22.03 -6.97 15.24
C ARG B 295 -22.66 -5.59 15.49
N SER B 296 -23.92 -5.58 15.93
CA SER B 296 -24.66 -4.36 16.36
C SER B 296 -23.73 -3.47 17.19
N LEU B 298 -20.40 -3.48 17.47
CA LEU B 298 -19.12 -3.12 16.90
C LEU B 298 -19.33 -2.22 15.68
N GLN B 299 -20.44 -1.45 15.70
CA GLN B 299 -20.94 -0.68 14.53
C GLN B 299 -21.85 0.45 15.02
#